data_3QLX
#
_entry.id   3QLX
#
_cell.length_a   42.757
_cell.length_b   42.757
_cell.length_c   232.124
_cell.angle_alpha   90.000
_cell.angle_beta   90.000
_cell.angle_gamma   90.000
#
_symmetry.space_group_name_H-M   'P 41'
#
loop_
_entity.id
_entity.type
_entity.pdbx_description
1 polymer 'Dihydrofolate reductase'
2 non-polymer 'NADPH DIHYDRO-NICOTINAMIDE-ADENINE-DINUCLEOTIDE PHOSPHATE'
3 non-polymer 6-methyl-5-[(3R)-3-(3,4,5-trimethoxyphenyl)pent-1-yn-1-yl]pyrimidine-2,4-diamine
4 water water
#
_entity_poly.entity_id   1
_entity_poly.type   'polypeptide(L)'
_entity_poly.pdbx_seq_one_letter_code
;MSKVPVVGIVAALLPEMGIGFQGNLPWRLAKEMKYFREVTTLTNDNSKQNVVIMGRKTWESIPQKFRPLPKRINVVVSRS
FDGELRKVEDGIYHSNSLRNCLTALQSSLANENKIERIYIIGGGEIYRQSMDLADHWLITKIMPLPETTIPQMDTFLQKQ
ELEQRFYDNSDKLVDFLPSSIQLEGRLTSQEWNGELVKGLPVQEKGYQFYFTLYTKKLEHHHHHHHH
;
_entity_poly.pdbx_strand_id   A,B
#
loop_
_chem_comp.id
_chem_comp.type
_chem_comp.name
_chem_comp.formula
NDP non-polymer 'NADPH DIHYDRO-NICOTINAMIDE-ADENINE-DINUCLEOTIDE PHOSPHATE' 'C21 H30 N7 O17 P3'
QLR non-polymer 6-methyl-5-[(3R)-3-(3,4,5-trimethoxyphenyl)pent-1-yn-1-yl]pyrimidine-2,4-diamine 'C19 H24 N4 O3'
#
# COMPACT_ATOMS: atom_id res chain seq x y z
N LYS A 3 17.36 3.97 0.03
CA LYS A 3 18.55 3.79 0.92
C LYS A 3 18.50 4.77 2.09
N VAL A 4 17.65 5.79 1.98
CA VAL A 4 17.28 6.64 3.12
C VAL A 4 16.13 5.96 3.94
N PRO A 5 16.34 5.76 5.26
CA PRO A 5 15.29 5.13 6.09
C PRO A 5 14.00 5.94 6.06
N VAL A 6 12.87 5.25 5.92
CA VAL A 6 11.54 5.90 5.99
C VAL A 6 10.87 5.57 7.32
N VAL A 7 10.58 6.60 8.10
CA VAL A 7 10.19 6.43 9.48
C VAL A 7 8.84 7.14 9.74
N GLY A 8 7.84 6.35 10.10
CA GLY A 8 6.59 6.91 10.61
C GLY A 8 6.78 7.40 12.02
N ILE A 9 6.27 8.58 12.31
CA ILE A 9 6.35 9.10 13.65
C ILE A 9 5.02 9.66 14.04
N VAL A 10 4.49 9.19 15.16
CA VAL A 10 3.10 9.45 15.53
C VAL A 10 2.95 9.39 17.05
N ALA A 11 1.99 10.14 17.57
CA ALA A 11 1.62 10.08 18.98
C ALA A 11 0.23 9.48 19.06
N ALA A 12 0.07 8.34 19.73
CA ALA A 12 -1.20 7.63 19.74
C ALA A 12 -1.67 7.30 21.17
N LEU A 13 -2.97 7.50 21.43
CA LEU A 13 -3.59 7.10 22.73
C LEU A 13 -4.06 5.66 22.76
N LEU A 14 -3.57 4.91 23.76
CA LEU A 14 -3.97 3.51 23.94
C LEU A 14 -5.34 3.50 24.57
N PRO A 15 -6.10 2.39 24.40
CA PRO A 15 -5.72 1.18 23.65
C PRO A 15 -6.04 1.19 22.16
N GLU A 16 -6.88 2.13 21.73
CA GLU A 16 -7.38 2.17 20.34
C GLU A 16 -6.40 2.86 19.38
N MET A 17 -5.39 3.52 19.95
CA MET A 17 -4.40 4.29 19.14
C MET A 17 -5.03 5.45 18.38
N GLY A 18 -5.83 6.24 19.10
CA GLY A 18 -6.41 7.43 18.56
C GLY A 18 -5.36 8.51 18.47
N ILE A 19 -5.38 9.28 17.37
CA ILE A 19 -4.33 10.28 17.06
C ILE A 19 -4.91 11.69 16.80
N GLY A 20 -6.23 11.79 16.58
CA GLY A 20 -6.84 13.04 16.15
C GLY A 20 -8.31 13.16 16.52
N PHE A 21 -8.81 14.40 16.54
CA PHE A 21 -10.26 14.70 16.68
C PHE A 21 -10.56 16.02 15.98
N GLN A 22 -11.49 16.00 15.05
CA GLN A 22 -11.95 17.22 14.38
C GLN A 22 -10.80 18.08 13.81
N GLY A 23 -9.82 17.43 13.19
CA GLY A 23 -8.76 18.13 12.45
C GLY A 23 -7.56 18.51 13.30
N ASN A 24 -7.60 18.15 14.59
CA ASN A 24 -6.54 18.53 15.54
C ASN A 24 -6.11 17.35 16.43
N LEU A 25 -4.99 17.52 17.13
CA LEU A 25 -4.56 16.60 18.17
C LEU A 25 -5.55 16.65 19.34
N PRO A 26 -5.81 15.50 19.97
CA PRO A 26 -6.74 15.41 21.12
C PRO A 26 -6.12 15.83 22.46
N TRP A 27 -4.84 16.19 22.45
CA TRP A 27 -4.15 16.65 23.63
C TRP A 27 -3.17 17.73 23.20
N ARG A 28 -2.62 18.44 24.18
CA ARG A 28 -1.55 19.41 23.94
C ARG A 28 -0.44 19.13 24.94
N LEU A 29 0.60 18.44 24.51
CA LEU A 29 1.66 18.02 25.42
C LEU A 29 2.99 18.57 24.94
N ALA A 30 3.51 19.58 25.65
CA ALA A 30 4.67 20.31 25.17
C ALA A 30 5.88 19.39 25.04
N LYS A 31 5.97 18.40 25.91
CA LYS A 31 7.15 17.56 25.95
C LYS A 31 7.13 16.52 24.82
N GLU A 32 5.94 16.20 24.37
CA GLU A 32 5.80 15.29 23.26
C GLU A 32 6.09 16.03 21.95
N MET A 33 5.52 17.23 21.79
CA MET A 33 5.94 18.17 20.74
C MET A 33 7.46 18.32 20.64
N LYS A 34 8.10 18.51 21.80
CA LYS A 34 9.55 18.68 21.86
C LYS A 34 10.28 17.46 21.31
N TYR A 35 9.96 16.28 21.82
CA TYR A 35 10.45 15.03 21.22
C TYR A 35 10.29 15.04 19.71
N PHE A 36 9.06 15.24 19.23
CA PHE A 36 8.80 15.19 17.77
C PHE A 36 9.67 16.22 17.02
N ARG A 37 9.70 17.45 17.54
CA ARG A 37 10.52 18.50 16.97
C ARG A 37 11.97 18.09 16.89
N GLU A 38 12.52 17.63 18.00
CA GLU A 38 13.93 17.28 18.05
C GLU A 38 14.28 16.10 17.16
N VAL A 39 13.49 15.02 17.24
CA VAL A 39 13.76 13.82 16.46
C VAL A 39 13.76 14.10 14.97
N THR A 40 12.71 14.78 14.49
CA THR A 40 12.59 15.12 13.06
C THR A 40 13.58 16.20 12.58
N THR A 41 14.02 17.07 13.49
CA THR A 41 14.96 18.14 13.10
C THR A 41 16.39 17.64 13.09
N LEU A 42 16.80 17.06 14.21
CA LEU A 42 18.20 16.72 14.42
C LEU A 42 18.69 15.62 13.48
N THR A 43 19.99 15.70 13.16
CA THR A 43 20.65 14.69 12.36
C THR A 43 21.97 14.33 13.01
N ASN A 44 22.46 13.13 12.73
CA ASN A 44 23.81 12.75 13.09
C ASN A 44 24.86 13.40 12.18
N ASP A 45 24.51 13.60 10.92
CA ASP A 45 25.40 14.27 9.98
C ASP A 45 24.96 15.72 9.76
N ASN A 46 25.78 16.66 10.27
CA ASN A 46 25.46 18.10 10.33
C ASN A 46 25.18 18.74 8.98
N SER A 47 25.59 18.08 7.89
CA SER A 47 25.39 18.62 6.53
C SER A 47 24.14 18.06 5.86
N LYS A 48 23.41 17.20 6.58
CA LYS A 48 22.14 16.70 6.05
C LYS A 48 20.92 17.35 6.73
N GLN A 49 19.76 17.24 6.11
CA GLN A 49 18.49 17.54 6.76
C GLN A 49 17.58 16.32 6.66
N ASN A 50 16.54 16.31 7.45
CA ASN A 50 15.50 15.30 7.27
C ASN A 50 14.38 15.86 6.43
N VAL A 51 13.62 14.97 5.82
CA VAL A 51 12.38 15.33 5.19
C VAL A 51 11.23 15.01 6.15
N VAL A 52 10.18 15.85 6.12
CA VAL A 52 8.90 15.53 6.75
C VAL A 52 7.83 15.54 5.69
N ILE A 53 7.10 14.44 5.57
CA ILE A 53 5.99 14.34 4.64
C ILE A 53 4.64 14.30 5.38
N MET A 54 3.63 14.96 4.82
CA MET A 54 2.36 15.09 5.52
C MET A 54 1.20 15.28 4.53
N GLY A 55 0.05 14.73 4.88
CA GLY A 55 -1.15 14.97 4.10
C GLY A 55 -1.55 16.45 4.12
N ARG A 56 -2.31 16.85 3.11
CA ARG A 56 -2.80 18.24 3.01
C ARG A 56 -3.52 18.66 4.29
N LYS A 57 -4.33 17.76 4.85
CA LYS A 57 -5.19 18.18 5.94
C LYS A 57 -4.37 18.40 7.19
N THR A 58 -3.28 17.64 7.35
CA THR A 58 -2.38 17.89 8.46
C THR A 58 -1.62 19.20 8.29
N TRP A 59 -1.21 19.50 7.05
CA TRP A 59 -0.53 20.77 6.77
C TRP A 59 -1.40 21.91 7.26
N GLU A 60 -2.70 21.83 6.94
CA GLU A 60 -3.66 22.87 7.21
C GLU A 60 -3.94 23.03 8.68
N SER A 61 -3.65 21.98 9.45
CA SER A 61 -3.83 22.02 10.90
C SER A 61 -2.71 22.74 11.64
N ILE A 62 -1.54 22.87 11.00
CA ILE A 62 -0.43 23.57 11.65
C ILE A 62 -0.66 25.08 11.65
N PRO A 63 -0.46 25.74 12.82
CA PRO A 63 -0.63 27.21 12.86
C PRO A 63 0.25 27.87 11.81
N GLN A 64 -0.29 28.88 11.13
CA GLN A 64 0.43 29.57 10.06
C GLN A 64 1.83 30.02 10.42
N LYS A 65 2.02 30.42 11.68
CA LYS A 65 3.31 30.89 12.17
C LYS A 65 4.36 29.79 12.15
N PHE A 66 3.91 28.55 12.34
CA PHE A 66 4.84 27.46 12.65
C PHE A 66 5.14 26.58 11.43
N ARG A 67 4.58 26.95 10.29
CA ARG A 67 4.80 26.19 9.06
C ARG A 67 5.35 27.09 7.94
N PRO A 68 6.26 26.54 7.12
CA PRO A 68 6.70 25.14 7.14
C PRO A 68 7.60 24.87 8.36
N LEU A 69 7.58 23.62 8.86
CA LEU A 69 8.44 23.25 9.98
C LEU A 69 9.88 23.59 9.67
N PRO A 70 10.50 24.47 10.51
CA PRO A 70 11.89 24.90 10.32
C PRO A 70 12.91 23.77 10.25
N LYS A 71 13.88 23.92 9.34
CA LYS A 71 15.11 23.12 9.31
C LYS A 71 14.90 21.68 8.87
N ARG A 72 13.71 21.41 8.35
CA ARG A 72 13.39 20.15 7.67
C ARG A 72 12.79 20.48 6.30
N ILE A 73 13.07 19.65 5.30
CA ILE A 73 12.35 19.74 4.04
C ILE A 73 10.90 19.26 4.25
N ASN A 74 9.96 20.19 4.00
CA ASN A 74 8.53 19.90 4.08
C ASN A 74 7.97 19.47 2.75
N VAL A 75 7.28 18.32 2.77
CA VAL A 75 6.54 17.85 1.62
C VAL A 75 5.06 17.71 2.01
N VAL A 76 4.19 18.37 1.26
CA VAL A 76 2.75 18.27 1.44
C VAL A 76 2.12 17.49 0.26
N VAL A 77 1.32 16.45 0.55
CA VAL A 77 0.71 15.68 -0.51
C VAL A 77 -0.76 15.95 -0.65
N SER A 78 -1.19 16.16 -1.89
CA SER A 78 -2.58 16.41 -2.24
C SER A 78 -2.79 15.87 -3.63
N ARG A 79 -3.92 15.22 -3.86
CA ARG A 79 -4.23 14.67 -5.17
C ARG A 79 -4.43 15.78 -6.23
N SER A 80 -4.64 17.02 -5.78
CA SER A 80 -4.88 18.17 -6.68
C SER A 80 -3.59 18.90 -7.07
N PHE A 81 -2.47 18.49 -6.47
CA PHE A 81 -1.19 19.08 -6.82
C PHE A 81 -0.73 18.50 -8.14
N ASP A 82 0.40 18.98 -8.66
CA ASP A 82 0.67 18.93 -10.10
C ASP A 82 1.57 17.79 -10.55
N GLY A 83 2.59 17.48 -9.75
CA GLY A 83 3.54 16.42 -10.13
C GLY A 83 4.09 15.74 -8.91
N GLU A 84 5.06 14.85 -9.11
CA GLU A 84 5.45 13.89 -8.06
C GLU A 84 6.34 14.49 -7.00
N LEU A 85 6.98 15.61 -7.32
CA LEU A 85 7.72 16.37 -6.34
C LEU A 85 8.17 17.72 -6.91
N ARG A 86 7.57 18.80 -6.42
CA ARG A 86 7.74 20.09 -7.02
C ARG A 86 7.92 21.15 -5.93
N LYS A 87 8.99 21.94 -6.03
CA LYS A 87 9.20 23.05 -5.11
C LYS A 87 8.22 24.17 -5.39
N VAL A 88 7.43 24.54 -4.38
CA VAL A 88 6.52 25.66 -4.54
C VAL A 88 6.91 26.91 -3.74
N GLU A 89 7.83 26.74 -2.79
CA GLU A 89 8.28 27.84 -1.93
C GLU A 89 9.49 27.39 -1.16
N ASP A 90 10.18 28.33 -0.53
CA ASP A 90 11.31 27.97 0.31
C ASP A 90 10.85 26.96 1.40
N GLY A 91 11.47 25.80 1.43
CA GLY A 91 11.19 24.80 2.46
C GLY A 91 9.93 23.99 2.20
N ILE A 92 9.26 24.26 1.08
CA ILE A 92 8.01 23.57 0.76
C ILE A 92 7.99 22.90 -0.61
N TYR A 93 7.76 21.58 -0.61
CA TYR A 93 7.52 20.81 -1.83
C TYR A 93 6.10 20.30 -1.86
N HIS A 94 5.50 20.34 -3.05
CA HIS A 94 4.20 19.75 -3.25
C HIS A 94 4.32 18.45 -4.02
N SER A 95 3.56 17.45 -3.61
CA SER A 95 3.45 16.21 -4.38
C SER A 95 2.01 15.71 -4.47
N ASN A 96 1.68 15.14 -5.63
CA ASN A 96 0.36 14.59 -5.82
C ASN A 96 0.29 13.08 -5.57
N SER A 97 1.32 12.53 -4.90
CA SER A 97 1.41 11.10 -4.70
C SER A 97 2.43 10.76 -3.63
N LEU A 98 1.95 10.23 -2.50
CA LEU A 98 2.82 9.75 -1.42
C LEU A 98 3.93 8.80 -1.96
N ARG A 99 3.53 7.76 -2.69
CA ARG A 99 4.48 6.77 -3.19
C ARG A 99 5.52 7.36 -4.17
N ASN A 100 5.08 8.16 -5.13
CA ASN A 100 6.01 8.71 -6.12
C ASN A 100 6.94 9.77 -5.51
N CYS A 101 6.43 10.57 -4.59
CA CYS A 101 7.30 11.50 -3.90
C CYS A 101 8.39 10.78 -3.08
N LEU A 102 8.08 9.64 -2.49
CA LEU A 102 9.08 8.81 -1.79
C LEU A 102 10.14 8.25 -2.76
N THR A 103 9.70 7.81 -3.92
CA THR A 103 10.65 7.38 -4.96
C THR A 103 11.52 8.54 -5.43
N ALA A 104 10.92 9.72 -5.56
CA ALA A 104 11.66 10.91 -5.97
C ALA A 104 12.68 11.32 -4.89
N LEU A 105 12.28 11.29 -3.61
CA LEU A 105 13.19 11.66 -2.53
C LEU A 105 14.41 10.72 -2.43
N GLN A 106 14.21 9.45 -2.80
CA GLN A 106 15.27 8.44 -2.71
C GLN A 106 16.36 8.53 -3.83
N SER A 107 16.08 9.27 -4.90
CA SER A 107 17.08 9.45 -5.95
C SER A 107 18.27 10.21 -5.42
N SER A 108 19.41 9.53 -5.36
CA SER A 108 20.63 10.14 -4.85
C SER A 108 21.18 11.20 -5.83
N LEU A 109 20.71 11.16 -7.07
CA LEU A 109 20.96 12.24 -8.01
C LEU A 109 20.24 13.53 -7.61
N ALA A 110 18.95 13.41 -7.31
CA ALA A 110 18.14 14.55 -6.86
C ALA A 110 18.58 15.07 -5.49
N ASN A 111 18.86 14.14 -4.57
CA ASN A 111 19.01 14.48 -3.14
C ASN A 111 20.47 14.63 -2.70
N GLU A 112 21.38 14.21 -3.58
CA GLU A 112 22.82 14.41 -3.38
C GLU A 112 23.36 13.68 -2.14
N ASN A 113 22.67 12.62 -1.72
CA ASN A 113 22.86 12.04 -0.41
C ASN A 113 22.95 13.06 0.73
N LYS A 114 22.16 14.12 0.65
CA LYS A 114 22.08 15.08 1.75
C LYS A 114 20.75 15.06 2.52
N ILE A 115 19.97 14.00 2.34
CA ILE A 115 18.85 13.67 3.22
C ILE A 115 19.26 12.51 4.11
N GLU A 116 19.11 12.68 5.41
CA GLU A 116 19.44 11.60 6.33
C GLU A 116 18.24 10.65 6.53
N ARG A 117 17.08 11.19 6.90
CA ARG A 117 15.88 10.36 7.05
C ARG A 117 14.65 11.02 6.46
N ILE A 118 13.71 10.17 6.07
CA ILE A 118 12.41 10.61 5.66
C ILE A 118 11.37 10.27 6.73
N TYR A 119 10.82 11.29 7.37
CA TYR A 119 9.79 11.12 8.38
C TYR A 119 8.40 11.35 7.76
N ILE A 120 7.52 10.37 7.92
CA ILE A 120 6.12 10.55 7.66
C ILE A 120 5.38 10.98 8.94
N ILE A 121 4.90 12.23 8.92
CA ILE A 121 4.44 12.88 10.14
C ILE A 121 2.91 13.04 10.19
N GLY A 122 2.22 12.43 9.23
CA GLY A 122 0.85 12.10 9.43
C GLY A 122 -0.11 12.66 8.42
N GLY A 123 -1.35 12.82 8.89
CA GLY A 123 -2.51 12.25 8.32
C GLY A 123 -2.83 10.85 8.85
N GLY A 124 -4.03 10.66 9.38
CA GLY A 124 -4.61 9.31 9.52
C GLY A 124 -4.57 8.60 8.15
N GLU A 125 -5.04 9.29 7.12
CA GLU A 125 -5.09 8.73 5.78
C GLU A 125 -3.69 8.44 5.22
N ILE A 126 -2.78 9.41 5.36
CA ILE A 126 -1.35 9.17 5.11
C ILE A 126 -0.76 7.95 5.86
N TYR A 127 -0.98 7.88 7.19
CA TYR A 127 -0.47 6.73 7.98
C TYR A 127 -0.99 5.39 7.48
N ARG A 128 -2.24 5.36 7.06
CA ARG A 128 -2.88 4.14 6.53
C ARG A 128 -2.09 3.57 5.36
N GLN A 129 -1.53 4.47 4.55
CA GLN A 129 -0.87 4.07 3.32
C GLN A 129 0.61 3.87 3.53
N SER A 130 1.10 4.13 4.75
CA SER A 130 2.54 4.07 5.02
C SER A 130 3.00 2.77 5.66
N MET A 131 2.06 1.93 6.05
CA MET A 131 2.39 0.70 6.73
C MET A 131 3.32 -0.15 5.85
N ASP A 132 3.12 -0.07 4.53
CA ASP A 132 3.92 -0.83 3.59
C ASP A 132 5.15 -0.04 3.15
N LEU A 133 5.17 1.25 3.45
CA LEU A 133 6.26 2.10 3.00
C LEU A 133 7.36 2.25 4.05
N ALA A 134 6.97 2.31 5.33
CA ALA A 134 7.89 2.70 6.38
C ALA A 134 8.79 1.56 6.81
N ASP A 135 10.05 1.86 7.06
CA ASP A 135 10.98 0.89 7.63
C ASP A 135 10.80 0.71 9.14
N HIS A 136 10.41 1.79 9.83
CA HIS A 136 10.27 1.80 11.29
C HIS A 136 9.06 2.66 11.62
N TRP A 137 8.54 2.53 12.85
CA TRP A 137 7.63 3.54 13.41
C TRP A 137 8.16 4.05 14.76
N LEU A 138 8.22 5.37 14.93
CA LEU A 138 8.35 5.96 16.28
C LEU A 138 6.96 6.34 16.79
N ILE A 139 6.48 5.59 17.77
CA ILE A 139 5.13 5.76 18.28
C ILE A 139 5.24 6.18 19.71
N THR A 140 4.69 7.34 20.01
CA THR A 140 4.49 7.71 21.38
C THR A 140 3.15 7.13 21.86
N LYS A 141 3.23 6.16 22.76
CA LYS A 141 2.05 5.50 23.28
C LYS A 141 1.55 6.26 24.50
N ILE A 142 0.37 6.86 24.40
CA ILE A 142 -0.11 7.74 25.45
C ILE A 142 -1.25 7.07 26.21
N MET A 143 -1.30 7.28 27.51
CA MET A 143 -2.30 6.65 28.37
C MET A 143 -2.78 7.72 29.30
N PRO A 144 -4.11 7.86 29.43
CA PRO A 144 -4.62 8.75 30.44
C PRO A 144 -4.31 8.19 31.82
N LEU A 145 -3.85 9.05 32.72
CA LEU A 145 -3.68 8.63 34.12
C LEU A 145 -5.06 8.39 34.81
N PRO A 146 -5.05 7.68 35.96
CA PRO A 146 -6.27 7.23 36.61
C PRO A 146 -7.42 8.25 36.67
N GLU A 147 -7.15 9.50 37.01
CA GLU A 147 -8.26 10.46 37.15
C GLU A 147 -8.52 11.30 35.88
N THR A 148 -7.85 10.94 34.78
CA THR A 148 -7.91 11.73 33.56
C THR A 148 -9.04 11.26 32.66
N THR A 149 -9.82 12.20 32.19
CA THR A 149 -10.85 11.93 31.20
C THR A 149 -10.23 11.53 29.86
N ILE A 150 -10.62 10.36 29.34
CA ILE A 150 -10.24 9.98 27.99
C ILE A 150 -10.82 10.99 27.00
N PRO A 151 -9.95 11.60 26.17
CA PRO A 151 -10.47 12.59 25.21
C PRO A 151 -11.19 11.91 24.06
N GLN A 152 -12.19 12.58 23.49
CA GLN A 152 -12.84 12.11 22.28
C GLN A 152 -11.86 12.10 21.08
N MET A 153 -12.04 11.12 20.19
CA MET A 153 -11.13 10.89 19.07
C MET A 153 -11.88 10.35 17.83
N ASP A 154 -11.45 10.75 16.63
CA ASP A 154 -12.16 10.31 15.42
C ASP A 154 -11.23 9.78 14.31
N THR A 155 -9.96 9.63 14.66
CA THR A 155 -8.94 9.23 13.71
C THR A 155 -7.97 8.36 14.49
N PHE A 156 -7.53 7.25 13.87
CA PHE A 156 -6.84 6.18 14.60
C PHE A 156 -5.69 5.59 13.76
N LEU A 157 -4.63 5.17 14.43
CA LEU A 157 -3.56 4.43 13.77
C LEU A 157 -4.03 2.97 13.59
N GLN A 158 -3.63 2.35 12.50
CA GLN A 158 -4.07 0.98 12.20
C GLN A 158 -3.21 -0.02 12.98
N LYS A 159 -3.64 -0.32 14.21
CA LYS A 159 -2.84 -1.15 15.12
C LYS A 159 -2.69 -2.59 14.59
N GLN A 160 -3.75 -3.11 13.98
CA GLN A 160 -3.70 -4.46 13.39
C GLN A 160 -2.55 -4.56 12.39
N GLU A 161 -2.50 -3.60 11.46
CA GLU A 161 -1.53 -3.63 10.36
C GLU A 161 -0.12 -3.38 10.87
N LEU A 162 0.00 -2.48 11.85
CA LEU A 162 1.26 -2.31 12.56
C LEU A 162 1.79 -3.62 13.13
N GLU A 163 0.99 -4.32 13.92
CA GLU A 163 1.45 -5.52 14.60
C GLU A 163 1.62 -6.73 13.67
N GLN A 164 1.01 -6.69 12.49
CA GLN A 164 1.29 -7.66 11.43
C GLN A 164 2.70 -7.51 10.89
N ARG A 165 3.13 -6.26 10.66
CA ARG A 165 4.33 -6.01 9.87
C ARG A 165 5.55 -5.70 10.73
N PHE A 166 5.31 -5.19 11.94
CA PHE A 166 6.38 -4.62 12.76
C PHE A 166 6.38 -5.28 14.13
N TYR A 167 7.53 -5.29 14.79
CA TYR A 167 7.61 -5.71 16.18
C TYR A 167 8.14 -4.57 17.03
N ASP A 168 7.86 -4.65 18.33
CA ASP A 168 8.30 -3.65 19.30
C ASP A 168 9.81 -3.74 19.47
N ASN A 169 10.53 -2.75 18.92
CA ASN A 169 12.01 -2.77 18.93
C ASN A 169 12.51 -1.75 19.93
N SER A 170 11.64 -1.40 20.89
CA SER A 170 11.92 -0.29 21.78
C SER A 170 13.24 -0.42 22.56
N ASP A 171 13.75 -1.65 22.69
CA ASP A 171 15.08 -1.88 23.30
C ASP A 171 16.13 -1.09 22.56
N LYS A 172 15.88 -0.77 21.31
CA LYS A 172 16.85 -0.09 20.52
C LYS A 172 16.46 1.35 20.28
N LEU A 173 15.44 1.83 20.99
CA LEU A 173 15.01 3.21 20.76
C LEU A 173 16.16 4.22 20.91
N VAL A 174 16.90 4.10 22.01
CA VAL A 174 17.93 5.09 22.36
C VAL A 174 19.01 5.19 21.32
N ASP A 175 19.38 4.07 20.77
CA ASP A 175 20.44 4.01 19.79
C ASP A 175 19.94 4.48 18.44
N PHE A 176 18.64 4.37 18.22
CA PHE A 176 18.04 4.70 16.96
C PHE A 176 17.97 6.20 16.80
N LEU A 177 17.74 6.89 17.91
CA LEU A 177 17.49 8.33 17.86
C LEU A 177 18.76 9.12 17.51
N PRO A 178 18.58 10.33 16.94
CA PRO A 178 19.76 11.09 16.56
C PRO A 178 20.60 11.33 17.80
N SER A 179 21.91 11.32 17.65
CA SER A 179 22.81 11.02 18.76
C SER A 179 22.77 12.08 19.85
N SER A 180 22.35 13.28 19.50
CA SER A 180 22.51 14.41 20.40
C SER A 180 21.30 14.66 21.28
N ILE A 181 20.26 13.84 21.13
CA ILE A 181 19.07 13.96 21.99
C ILE A 181 19.31 13.27 23.33
N GLN A 182 18.87 13.92 24.40
CA GLN A 182 18.83 13.28 25.72
C GLN A 182 17.41 13.17 26.22
N LEU A 183 17.07 12.00 26.72
CA LEU A 183 15.75 11.76 27.27
C LEU A 183 15.81 11.73 28.79
N GLU A 184 14.65 11.81 29.43
CA GLU A 184 14.58 11.89 30.89
C GLU A 184 14.33 10.53 31.51
N GLY A 185 13.68 9.63 30.76
CA GLY A 185 13.37 8.31 31.27
C GLY A 185 14.52 7.30 31.14
N ARG A 186 14.40 6.18 31.86
CA ARG A 186 15.05 4.92 31.47
C ARG A 186 14.04 3.96 30.85
N LEU A 187 14.53 3.00 30.07
CA LEU A 187 13.67 1.97 29.47
C LEU A 187 12.87 1.21 30.53
N THR A 188 11.57 1.07 30.31
CA THR A 188 10.65 0.52 31.31
C THR A 188 9.59 -0.32 30.60
N SER A 189 9.23 -1.45 31.18
CA SER A 189 8.11 -2.28 30.70
C SER A 189 6.97 -2.25 31.70
N GLN A 190 5.81 -1.81 31.27
CA GLN A 190 4.69 -1.62 32.19
C GLN A 190 3.49 -2.28 31.59
N GLU A 191 2.69 -2.94 32.41
CA GLU A 191 1.40 -3.40 31.94
C GLU A 191 0.34 -2.33 32.00
N TRP A 192 -0.48 -2.26 30.95
CA TRP A 192 -1.56 -1.31 30.89
C TRP A 192 -2.74 -1.85 30.14
N ASN A 193 -3.84 -2.02 30.87
CA ASN A 193 -5.03 -2.65 30.36
C ASN A 193 -4.74 -3.85 29.51
N GLY A 194 -3.93 -4.75 30.05
CA GLY A 194 -3.73 -6.05 29.45
C GLY A 194 -2.78 -6.08 28.27
N GLU A 195 -2.15 -4.96 27.96
CA GLU A 195 -1.05 -4.95 26.98
C GLU A 195 0.32 -4.51 27.56
N LEU A 196 1.39 -4.99 26.94
CA LEU A 196 2.75 -4.66 27.34
C LEU A 196 3.16 -3.32 26.70
N VAL A 197 3.49 -2.35 27.55
CA VAL A 197 3.97 -1.06 27.08
C VAL A 197 5.42 -0.86 27.49
N LYS A 198 6.29 -0.74 26.49
CA LYS A 198 7.72 -0.64 26.72
C LYS A 198 8.30 0.56 25.94
N GLY A 199 9.19 1.31 26.59
CA GLY A 199 9.79 2.50 25.98
C GLY A 199 10.31 3.46 27.06
N LEU A 200 10.41 4.73 26.69
CA LEU A 200 10.97 5.76 27.59
C LEU A 200 9.86 6.63 28.16
N PRO A 201 9.66 6.59 29.49
CA PRO A 201 8.48 7.20 30.10
C PRO A 201 8.56 8.71 30.31
N VAL A 202 7.43 9.39 30.07
CA VAL A 202 7.24 10.76 30.50
C VAL A 202 5.80 10.91 31.02
N GLN A 203 5.61 11.85 31.94
CA GLN A 203 4.29 12.27 32.35
C GLN A 203 4.14 13.78 32.14
N GLU A 204 2.98 14.19 31.68
CA GLU A 204 2.68 15.61 31.55
C GLU A 204 1.18 15.77 31.53
N LYS A 205 0.69 16.80 32.22
CA LYS A 205 -0.74 16.97 32.45
C LYS A 205 -1.33 15.66 32.94
N GLY A 206 -2.46 15.25 32.37
CA GLY A 206 -3.18 14.09 32.88
C GLY A 206 -2.68 12.77 32.27
N TYR A 207 -1.54 12.83 31.59
CA TYR A 207 -1.14 11.71 30.75
C TYR A 207 0.20 11.14 31.12
N GLN A 208 0.31 9.83 30.96
CA GLN A 208 1.57 9.14 30.97
C GLN A 208 1.86 8.69 29.52
N PHE A 209 3.08 8.91 29.04
CA PHE A 209 3.42 8.41 27.71
C PHE A 209 4.79 7.77 27.57
N TYR A 210 4.92 6.88 26.57
CA TYR A 210 6.17 6.17 26.30
C TYR A 210 6.58 6.39 24.86
N PHE A 211 7.82 6.86 24.67
CA PHE A 211 8.47 6.78 23.36
C PHE A 211 8.90 5.36 23.08
N THR A 212 8.42 4.81 21.97
CA THR A 212 8.71 3.44 21.57
C THR A 212 9.20 3.41 20.11
N LEU A 213 9.81 2.31 19.72
CA LEU A 213 10.26 2.11 18.35
C LEU A 213 9.75 0.76 17.85
N TYR A 214 9.16 0.74 16.67
CA TYR A 214 8.74 -0.48 15.99
C TYR A 214 9.53 -0.65 14.67
N THR A 215 9.86 -1.89 14.35
CA THR A 215 10.75 -2.19 13.26
C THR A 215 10.16 -3.34 12.44
N LYS A 216 10.38 -3.33 11.13
CA LYS A 216 9.85 -4.40 10.27
C LYS A 216 10.26 -5.78 10.75
N LYS A 217 9.32 -6.73 10.77
CA LYS A 217 9.64 -8.11 11.14
C LYS A 217 10.52 -8.70 10.06
N LEU A 218 11.24 -9.76 10.43
CA LEU A 218 12.08 -10.45 9.48
C LEU A 218 11.19 -11.00 8.38
N GLU A 219 11.71 -11.03 7.15
CA GLU A 219 10.94 -11.50 6.02
C GLU A 219 11.62 -12.67 5.36
N HIS A 220 10.83 -13.70 5.02
CA HIS A 220 11.32 -14.82 4.23
C HIS A 220 11.81 -14.38 2.84
N HIS A 221 12.72 -15.15 2.26
CA HIS A 221 13.20 -14.90 0.93
C HIS A 221 12.40 -15.78 -0.04
N HIS A 222 11.39 -15.19 -0.67
CA HIS A 222 10.55 -15.90 -1.63
C HIS A 222 11.01 -15.70 -3.07
N HIS A 223 11.36 -14.46 -3.41
CA HIS A 223 11.86 -14.15 -4.77
C HIS A 223 12.77 -12.92 -4.75
N HIS A 224 13.82 -12.96 -5.56
CA HIS A 224 14.67 -11.79 -5.85
C HIS A 224 14.76 -11.60 -7.38
N HIS A 225 14.32 -10.46 -7.88
CA HIS A 225 14.31 -10.22 -9.34
C HIS A 225 15.68 -10.38 -10.00
N HIS A 226 15.77 -11.29 -10.98
CA HIS A 226 16.96 -11.39 -11.86
C HIS A 226 16.64 -11.07 -13.33
N HIS A 227 17.69 -10.74 -14.10
CA HIS A 227 17.52 -10.20 -15.46
C HIS A 227 17.67 -11.25 -16.55
N LYS B 3 -17.02 -5.23 0.74
CA LYS B 3 -17.80 -6.51 0.78
C LYS B 3 -17.86 -7.14 -0.61
N VAL B 4 -17.48 -6.36 -1.63
CA VAL B 4 -17.20 -6.89 -2.97
C VAL B 4 -15.72 -7.37 -3.05
N PRO B 5 -15.49 -8.65 -3.40
CA PRO B 5 -14.11 -9.18 -3.50
C PRO B 5 -13.29 -8.37 -4.50
N VAL B 6 -12.05 -8.06 -4.12
CA VAL B 6 -11.09 -7.39 -5.03
C VAL B 6 -10.07 -8.40 -5.56
N VAL B 7 -10.03 -8.58 -6.87
CA VAL B 7 -9.27 -9.66 -7.47
C VAL B 7 -8.27 -9.10 -8.48
N GLY B 8 -6.99 -9.31 -8.20
CA GLY B 8 -5.98 -9.07 -9.21
C GLY B 8 -5.99 -10.17 -10.24
N ILE B 9 -5.94 -9.80 -11.51
CA ILE B 9 -5.88 -10.79 -12.56
C ILE B 9 -4.80 -10.42 -13.55
N VAL B 10 -3.90 -11.37 -13.81
CA VAL B 10 -2.67 -11.06 -14.54
C VAL B 10 -2.14 -12.31 -15.22
N ALA B 11 -1.43 -12.13 -16.35
CA ALA B 11 -0.71 -13.21 -17.01
C ALA B 11 0.78 -12.94 -16.88
N ALA B 12 1.51 -13.88 -16.28
CA ALA B 12 2.91 -13.66 -15.95
C ALA B 12 3.80 -14.80 -16.47
N LEU B 13 4.97 -14.45 -17.03
CA LEU B 13 5.95 -15.48 -17.48
C LEU B 13 6.91 -15.88 -16.39
N LEU B 14 6.99 -17.18 -16.12
CA LEU B 14 7.91 -17.68 -15.10
C LEU B 14 9.31 -17.65 -15.70
N PRO B 15 10.36 -17.62 -14.83
CA PRO B 15 10.32 -17.57 -13.36
C PRO B 15 10.23 -16.17 -12.74
N GLU B 16 10.54 -15.14 -13.54
CA GLU B 16 10.62 -13.74 -13.04
C GLU B 16 9.25 -13.04 -13.00
N MET B 17 8.23 -13.70 -13.55
CA MET B 17 6.87 -13.10 -13.61
C MET B 17 6.81 -11.80 -14.39
N GLY B 18 7.39 -11.82 -15.58
CA GLY B 18 7.32 -10.70 -16.49
C GLY B 18 5.93 -10.65 -17.11
N ILE B 19 5.41 -9.44 -17.30
CA ILE B 19 4.03 -9.21 -17.76
C ILE B 19 3.95 -8.25 -18.98
N GLY B 20 5.04 -7.54 -19.27
CA GLY B 20 4.99 -6.47 -20.27
C GLY B 20 6.35 -6.17 -20.89
N PHE B 21 6.33 -5.60 -22.10
CA PHE B 21 7.55 -5.06 -22.74
C PHE B 21 7.14 -3.89 -23.63
N GLN B 22 7.76 -2.74 -23.41
CA GLN B 22 7.55 -1.56 -24.26
C GLN B 22 6.06 -1.17 -24.44
N GLY B 23 5.29 -1.24 -23.36
CA GLY B 23 3.91 -0.79 -23.35
C GLY B 23 2.90 -1.84 -23.77
N ASN B 24 3.40 -3.05 -24.10
CA ASN B 24 2.56 -4.14 -24.60
C ASN B 24 2.80 -5.48 -23.88
N LEU B 25 1.88 -6.41 -24.08
CA LEU B 25 2.08 -7.79 -23.69
C LEU B 25 3.23 -8.39 -24.52
N PRO B 26 4.06 -9.25 -23.91
CA PRO B 26 5.19 -9.91 -24.60
C PRO B 26 4.78 -11.15 -25.42
N TRP B 27 3.50 -11.49 -25.39
CA TRP B 27 2.98 -12.61 -26.17
C TRP B 27 1.59 -12.23 -26.67
N ARG B 28 1.08 -13.02 -27.62
CA ARG B 28 -0.30 -12.90 -28.07
C ARG B 28 -0.95 -14.27 -28.02
N LEU B 29 -1.71 -14.53 -26.96
CA LEU B 29 -2.27 -15.87 -26.75
C LEU B 29 -3.78 -15.76 -26.67
N ALA B 30 -4.45 -16.21 -27.74
CA ALA B 30 -5.88 -15.98 -27.86
C ALA B 30 -6.66 -16.65 -26.75
N LYS B 31 -6.14 -17.76 -26.25
CA LYS B 31 -6.90 -18.55 -25.30
C LYS B 31 -6.75 -17.99 -23.88
N GLU B 32 -5.66 -17.30 -23.65
CA GLU B 32 -5.46 -16.64 -22.40
C GLU B 32 -6.32 -15.37 -22.37
N MET B 33 -6.27 -14.61 -23.47
CA MET B 33 -7.16 -13.46 -23.70
C MET B 33 -8.66 -13.86 -23.50
N LYS B 34 -9.04 -15.03 -24.02
CA LYS B 34 -10.39 -15.58 -23.83
C LYS B 34 -10.73 -15.80 -22.35
N TYR B 35 -9.88 -16.54 -21.64
CA TYR B 35 -9.99 -16.68 -20.18
C TYR B 35 -10.21 -15.33 -19.50
N PHE B 36 -9.32 -14.38 -19.75
CA PHE B 36 -9.40 -13.05 -19.11
C PHE B 36 -10.76 -12.37 -19.43
N ARG B 37 -11.14 -12.40 -20.70
CA ARG B 37 -12.43 -11.86 -21.15
C ARG B 37 -13.58 -12.49 -20.40
N GLU B 38 -13.62 -13.81 -20.40
CA GLU B 38 -14.73 -14.52 -19.79
C GLU B 38 -14.80 -14.32 -18.28
N VAL B 39 -13.67 -14.49 -17.61
CA VAL B 39 -13.63 -14.33 -16.14
C VAL B 39 -14.10 -12.95 -15.69
N THR B 40 -13.55 -11.89 -16.31
CA THR B 40 -13.88 -10.52 -15.95
C THR B 40 -15.29 -10.10 -16.41
N THR B 41 -15.80 -10.73 -17.47
CA THR B 41 -17.15 -10.39 -17.97
C THR B 41 -18.24 -11.11 -17.20
N LEU B 42 -18.12 -12.44 -17.14
CA LEU B 42 -19.17 -13.27 -16.59
C LEU B 42 -19.41 -13.05 -15.10
N THR B 43 -20.66 -13.23 -14.70
CA THR B 43 -21.05 -13.16 -13.32
C THR B 43 -21.96 -14.34 -13.00
N ASN B 44 -22.00 -14.71 -11.72
CA ASN B 44 -22.99 -15.67 -11.24
C ASN B 44 -24.39 -15.06 -11.13
N ASP B 45 -24.46 -13.78 -10.82
CA ASP B 45 -25.75 -13.10 -10.74
C ASP B 45 -25.97 -12.21 -11.97
N ASN B 46 -26.90 -12.64 -12.83
CA ASN B 46 -27.18 -12.00 -14.14
C ASN B 46 -27.52 -10.51 -14.10
N SER B 47 -27.88 -10.01 -12.93
CA SER B 47 -28.22 -8.58 -12.78
C SER B 47 -27.02 -7.73 -12.33
N LYS B 48 -25.89 -8.37 -12.09
CA LYS B 48 -24.67 -7.65 -11.71
C LYS B 48 -23.68 -7.55 -12.87
N GLN B 49 -22.73 -6.60 -12.77
CA GLN B 49 -21.58 -6.57 -13.66
C GLN B 49 -20.33 -6.56 -12.81
N ASN B 50 -19.19 -6.85 -13.40
CA ASN B 50 -17.91 -6.65 -12.70
C ASN B 50 -17.34 -5.31 -13.08
N VAL B 51 -16.47 -4.79 -12.22
CA VAL B 51 -15.65 -3.66 -12.53
C VAL B 51 -14.28 -4.15 -12.99
N VAL B 52 -13.68 -3.44 -13.94
CA VAL B 52 -12.26 -3.62 -14.27
C VAL B 52 -11.56 -2.30 -14.06
N ILE B 53 -10.53 -2.32 -13.21
CA ILE B 53 -9.75 -1.11 -12.95
C ILE B 53 -8.36 -1.25 -13.57
N MET B 54 -7.84 -0.13 -14.11
CA MET B 54 -6.56 -0.18 -14.82
C MET B 54 -5.83 1.16 -14.78
N GLY B 55 -4.51 1.10 -14.77
CA GLY B 55 -3.71 2.30 -14.90
C GLY B 55 -3.86 2.94 -16.28
N ARG B 56 -3.54 4.22 -16.38
CA ARG B 56 -3.72 5.00 -17.61
C ARG B 56 -2.95 4.38 -18.75
N LYS B 57 -1.75 3.87 -18.46
CA LYS B 57 -0.88 3.41 -19.52
C LYS B 57 -1.40 2.11 -20.08
N THR B 58 -2.04 1.30 -19.23
CA THR B 58 -2.68 0.10 -19.74
C THR B 58 -3.91 0.44 -20.61
N TRP B 59 -4.67 1.46 -20.20
CA TRP B 59 -5.83 1.88 -20.98
C TRP B 59 -5.37 2.20 -22.41
N GLU B 60 -4.24 2.91 -22.49
CA GLU B 60 -3.74 3.44 -23.73
C GLU B 60 -3.19 2.33 -24.61
N SER B 61 -2.88 1.20 -24.00
CA SER B 61 -2.38 0.03 -24.76
C SER B 61 -3.48 -0.75 -25.47
N ILE B 62 -4.72 -0.64 -24.99
CA ILE B 62 -5.80 -1.38 -25.64
C ILE B 62 -6.18 -0.74 -26.97
N PRO B 63 -6.31 -1.55 -28.03
CA PRO B 63 -6.74 -1.01 -29.33
C PRO B 63 -8.02 -0.21 -29.20
N GLN B 64 -8.07 0.95 -29.85
CA GLN B 64 -9.23 1.83 -29.78
C GLN B 64 -10.57 1.17 -30.00
N LYS B 65 -10.58 0.15 -30.87
CA LYS B 65 -11.80 -0.61 -31.19
C LYS B 65 -12.34 -1.38 -29.99
N PHE B 66 -11.43 -1.82 -29.12
CA PHE B 66 -11.79 -2.81 -28.11
C PHE B 66 -11.98 -2.19 -26.73
N ARG B 67 -11.93 -0.88 -26.65
CA ARG B 67 -12.09 -0.17 -25.39
C ARG B 67 -13.20 0.90 -25.48
N PRO B 68 -14.00 1.05 -24.42
CA PRO B 68 -13.85 0.34 -23.12
C PRO B 68 -14.25 -1.14 -23.24
N LEU B 69 -13.68 -2.00 -22.40
CA LEU B 69 -14.02 -3.41 -22.42
C LEU B 69 -15.51 -3.59 -22.22
N PRO B 70 -16.20 -4.21 -23.21
CA PRO B 70 -17.66 -4.46 -23.17
C PRO B 70 -18.14 -5.16 -21.91
N LYS B 71 -19.29 -4.70 -21.40
CA LYS B 71 -20.08 -5.43 -20.40
C LYS B 71 -19.43 -5.46 -19.01
N ARG B 72 -18.37 -4.68 -18.83
CA ARG B 72 -17.78 -4.44 -17.52
C ARG B 72 -17.71 -2.95 -17.33
N ILE B 73 -17.89 -2.48 -16.11
CA ILE B 73 -17.54 -1.11 -15.78
C ILE B 73 -16.02 -0.87 -15.81
N ASN B 74 -15.60 0.03 -16.68
CA ASN B 74 -14.19 0.40 -16.82
C ASN B 74 -13.85 1.59 -15.98
N VAL B 75 -12.84 1.42 -15.12
CA VAL B 75 -12.27 2.53 -14.38
C VAL B 75 -10.80 2.72 -14.80
N VAL B 76 -10.48 3.91 -15.29
CA VAL B 76 -9.11 4.28 -15.59
C VAL B 76 -8.56 5.26 -14.53
N VAL B 77 -7.38 4.94 -13.97
CA VAL B 77 -6.79 5.80 -12.94
C VAL B 77 -5.60 6.57 -13.45
N SER B 78 -5.57 7.84 -13.12
CA SER B 78 -4.51 8.74 -13.54
C SER B 78 -4.41 9.82 -12.50
N ARG B 79 -3.20 10.23 -12.15
CA ARG B 79 -3.02 11.26 -11.14
C ARG B 79 -3.54 12.64 -11.62
N SER B 80 -3.75 12.79 -12.93
CA SER B 80 -4.17 14.07 -13.54
C SER B 80 -5.68 14.15 -13.71
N PHE B 81 -6.39 13.08 -13.33
CA PHE B 81 -7.84 13.10 -13.36
C PHE B 81 -8.37 13.85 -12.15
N ASP B 82 -9.67 14.04 -12.08
CA ASP B 82 -10.25 15.15 -11.30
C ASP B 82 -10.71 14.79 -9.90
N GLY B 83 -11.26 13.59 -9.73
CA GLY B 83 -11.76 13.17 -8.42
C GLY B 83 -11.74 11.66 -8.28
N GLU B 84 -12.35 11.16 -7.21
CA GLU B 84 -12.11 9.78 -6.79
C GLU B 84 -12.88 8.75 -7.60
N LEU B 85 -13.97 9.18 -8.22
CA LEU B 85 -14.68 8.34 -9.15
C LEU B 85 -15.73 9.12 -9.94
N ARG B 86 -15.46 9.32 -11.23
CA ARG B 86 -16.25 10.22 -12.02
C ARG B 86 -16.56 9.58 -13.38
N LYS B 87 -17.83 9.55 -13.75
CA LYS B 87 -18.21 9.06 -15.07
C LYS B 87 -17.83 10.09 -16.10
N VAL B 88 -17.08 9.68 -17.12
CA VAL B 88 -16.72 10.58 -18.20
C VAL B 88 -17.35 10.18 -19.55
N GLU B 89 -17.85 8.96 -19.64
CA GLU B 89 -18.50 8.44 -20.85
C GLU B 89 -19.21 7.16 -20.50
N ASP B 90 -20.03 6.67 -21.42
CA ASP B 90 -20.70 5.40 -21.24
C ASP B 90 -19.65 4.32 -21.02
N GLY B 91 -19.74 3.62 -19.90
CA GLY B 91 -18.84 2.49 -19.63
C GLY B 91 -17.48 2.92 -19.10
N ILE B 92 -17.25 4.22 -18.97
CA ILE B 92 -15.95 4.73 -18.51
C ILE B 92 -16.02 5.67 -17.31
N TYR B 93 -15.32 5.29 -16.24
CA TYR B 93 -15.10 6.16 -15.08
C TYR B 93 -13.63 6.53 -14.99
N HIS B 94 -13.38 7.77 -14.62
CA HIS B 94 -12.03 8.23 -14.35
C HIS B 94 -11.83 8.40 -12.85
N SER B 95 -10.68 7.94 -12.35
CA SER B 95 -10.29 8.22 -10.96
C SER B 95 -8.85 8.70 -10.82
N ASN B 96 -8.62 9.58 -9.86
CA ASN B 96 -7.28 10.06 -9.63
C ASN B 96 -6.58 9.33 -8.47
N SER B 97 -7.14 8.20 -8.05
CA SER B 97 -6.60 7.46 -6.93
C SER B 97 -7.14 6.04 -6.90
N LEU B 98 -6.24 5.06 -7.07
CA LEU B 98 -6.58 3.63 -6.94
C LEU B 98 -7.33 3.31 -5.63
N ARG B 99 -6.74 3.72 -4.51
CA ARG B 99 -7.32 3.45 -3.20
C ARG B 99 -8.69 4.12 -3.00
N ASN B 100 -8.82 5.40 -3.36
CA ASN B 100 -10.11 6.07 -3.15
C ASN B 100 -11.19 5.56 -4.11
N CYS B 101 -10.80 5.20 -5.32
CA CYS B 101 -11.77 4.64 -6.24
C CYS B 101 -12.31 3.28 -5.75
N LEU B 102 -11.47 2.48 -5.10
CA LEU B 102 -11.91 1.21 -4.49
C LEU B 102 -12.87 1.45 -3.30
N THR B 103 -12.55 2.41 -2.45
CA THR B 103 -13.50 2.80 -1.41
C THR B 103 -14.83 3.29 -1.99
N ALA B 104 -14.75 4.10 -3.06
CA ALA B 104 -15.96 4.57 -3.71
C ALA B 104 -16.77 3.39 -4.29
N LEU B 105 -16.10 2.44 -4.93
CA LEU B 105 -16.80 1.33 -5.55
C LEU B 105 -17.50 0.41 -4.52
N GLN B 106 -16.96 0.35 -3.31
CA GLN B 106 -17.53 -0.51 -2.28
C GLN B 106 -18.79 0.06 -1.58
N SER B 107 -19.05 1.35 -1.76
CA SER B 107 -20.26 1.95 -1.19
C SER B 107 -21.50 1.31 -1.80
N SER B 108 -22.25 0.58 -0.97
CA SER B 108 -23.45 -0.10 -1.44
C SER B 108 -24.58 0.91 -1.77
N LEU B 109 -24.45 2.13 -1.24
CA LEU B 109 -25.31 3.22 -1.67
C LEU B 109 -25.06 3.60 -3.14
N ALA B 110 -23.79 3.80 -3.48
CA ALA B 110 -23.39 4.11 -4.85
C ALA B 110 -23.65 2.95 -5.82
N ASN B 111 -23.32 1.74 -5.39
CA ASN B 111 -23.22 0.61 -6.32
C ASN B 111 -24.46 -0.28 -6.32
N GLU B 112 -25.36 -0.01 -5.36
CA GLU B 112 -26.67 -0.69 -5.27
C GLU B 112 -26.57 -2.21 -5.09
N ASN B 113 -25.47 -2.68 -4.52
CA ASN B 113 -25.10 -4.08 -4.57
C ASN B 113 -25.29 -4.73 -5.94
N LYS B 114 -24.99 -3.98 -7.00
CA LYS B 114 -25.04 -4.54 -8.36
C LYS B 114 -23.67 -4.70 -9.03
N ILE B 115 -22.61 -4.59 -8.23
CA ILE B 115 -21.27 -5.04 -8.63
C ILE B 115 -20.98 -6.38 -7.96
N GLU B 116 -20.60 -7.38 -8.75
CA GLU B 116 -20.25 -8.67 -8.17
C GLU B 116 -18.77 -8.75 -7.74
N ARG B 117 -17.85 -8.41 -8.66
CA ARG B 117 -16.42 -8.39 -8.32
C ARG B 117 -15.73 -7.19 -8.89
N ILE B 118 -14.65 -6.80 -8.22
CA ILE B 118 -13.75 -5.78 -8.71
C ILE B 118 -12.44 -6.42 -9.13
N TYR B 119 -12.19 -6.39 -10.44
CA TYR B 119 -10.97 -6.93 -11.01
C TYR B 119 -9.98 -5.80 -11.27
N ILE B 120 -8.78 -5.95 -10.70
CA ILE B 120 -7.66 -5.13 -11.07
C ILE B 120 -6.89 -5.78 -12.21
N ILE B 121 -6.92 -5.13 -13.39
CA ILE B 121 -6.43 -5.76 -14.62
C ILE B 121 -5.11 -5.15 -15.12
N GLY B 122 -4.51 -4.29 -14.30
CA GLY B 122 -3.11 -4.06 -14.41
C GLY B 122 -2.70 -2.64 -14.72
N GLY B 123 -1.56 -2.55 -15.40
CA GLY B 123 -0.44 -1.79 -15.00
C GLY B 123 0.50 -2.59 -14.09
N GLY B 124 1.79 -2.63 -14.45
CA GLY B 124 2.85 -3.00 -13.48
C GLY B 124 2.74 -2.12 -12.23
N GLU B 125 2.62 -0.82 -12.45
CA GLU B 125 2.58 0.13 -11.36
C GLU B 125 1.31 -0.01 -10.52
N ILE B 126 0.18 -0.16 -11.19
CA ILE B 126 -1.07 -0.57 -10.52
C ILE B 126 -0.93 -1.86 -9.68
N TYR B 127 -0.36 -2.91 -10.27
CA TYR B 127 -0.22 -4.21 -9.55
C TYR B 127 0.61 -4.09 -8.29
N ARG B 128 1.67 -3.30 -8.36
CA ARG B 128 2.58 -3.06 -7.21
C ARG B 128 1.83 -2.51 -6.00
N GLN B 129 0.78 -1.72 -6.27
CA GLN B 129 0.04 -1.05 -5.21
C GLN B 129 -1.17 -1.87 -4.78
N SER B 130 -1.40 -3.02 -5.44
CA SER B 130 -2.61 -3.80 -5.18
C SER B 130 -2.40 -4.98 -4.26
N MET B 131 -1.16 -5.22 -3.89
CA MET B 131 -0.82 -6.38 -3.08
C MET B 131 -1.53 -6.31 -1.73
N ASP B 132 -1.69 -5.08 -1.23
CA ASP B 132 -2.38 -4.87 0.04
C ASP B 132 -3.86 -4.69 -0.16
N LEU B 133 -4.28 -4.50 -1.41
CA LEU B 133 -5.67 -4.23 -1.69
C LEU B 133 -6.45 -5.49 -2.09
N ALA B 134 -5.80 -6.40 -2.82
CA ALA B 134 -6.49 -7.54 -3.41
C ALA B 134 -6.76 -8.62 -2.39
N ASP B 135 -7.94 -9.22 -2.47
CA ASP B 135 -8.27 -10.41 -1.67
C ASP B 135 -7.70 -11.67 -2.28
N HIS B 136 -7.64 -11.73 -3.61
CA HIS B 136 -7.16 -12.91 -4.33
C HIS B 136 -6.34 -12.41 -5.52
N TRP B 137 -5.47 -13.27 -6.05
CA TRP B 137 -4.92 -13.07 -7.40
C TRP B 137 -5.27 -14.26 -8.33
N LEU B 138 -5.80 -13.94 -9.51
CA LEU B 138 -5.84 -14.94 -10.62
C LEU B 138 -4.61 -14.71 -11.51
N ILE B 139 -3.67 -15.63 -11.45
CA ILE B 139 -2.42 -15.50 -12.17
C ILE B 139 -2.30 -16.61 -13.16
N THR B 140 -2.20 -16.23 -14.44
CA THR B 140 -1.82 -17.17 -15.46
C THR B 140 -0.28 -17.30 -15.51
N LYS B 141 0.21 -18.45 -15.10
CA LYS B 141 1.65 -18.69 -15.05
C LYS B 141 2.08 -19.29 -16.37
N ILE B 142 2.89 -18.55 -17.12
CA ILE B 142 3.21 -18.93 -18.47
C ILE B 142 4.67 -19.36 -18.52
N MET B 143 4.96 -20.40 -19.29
CA MET B 143 6.32 -20.93 -19.40
C MET B 143 6.55 -21.15 -20.85
N PRO B 144 7.70 -20.71 -21.37
CA PRO B 144 8.04 -21.07 -22.72
C PRO B 144 8.31 -22.57 -22.80
N LEU B 145 7.79 -23.22 -23.82
CA LEU B 145 8.16 -24.62 -24.08
C LEU B 145 9.62 -24.73 -24.55
N PRO B 146 10.20 -25.95 -24.47
CA PRO B 146 11.62 -26.21 -24.68
C PRO B 146 12.29 -25.49 -25.86
N GLU B 147 11.64 -25.42 -27.01
CA GLU B 147 12.29 -24.78 -28.16
C GLU B 147 11.85 -23.32 -28.36
N THR B 148 11.13 -22.77 -27.38
CA THR B 148 10.62 -21.42 -27.48
C THR B 148 11.60 -20.38 -26.95
N THR B 149 11.84 -19.34 -27.74
CA THR B 149 12.62 -18.20 -27.29
C THR B 149 11.90 -17.45 -26.14
N ILE B 150 12.60 -17.23 -25.03
CA ILE B 150 12.06 -16.39 -23.97
C ILE B 150 11.94 -14.96 -24.50
N PRO B 151 10.72 -14.36 -24.43
CA PRO B 151 10.57 -13.00 -24.96
C PRO B 151 11.20 -12.00 -24.03
N GLN B 152 11.72 -10.90 -24.56
CA GLN B 152 12.16 -9.78 -23.75
C GLN B 152 11.01 -9.12 -22.96
N MET B 153 11.34 -8.60 -21.78
CA MET B 153 10.34 -8.08 -20.84
C MET B 153 10.94 -6.95 -19.97
N ASP B 154 10.13 -5.97 -19.61
CA ASP B 154 10.63 -4.82 -18.86
C ASP B 154 9.70 -4.44 -17.68
N THR B 155 8.72 -5.28 -17.43
CA THR B 155 7.72 -5.01 -16.41
C THR B 155 7.38 -6.34 -15.77
N PHE B 156 7.30 -6.37 -14.43
CA PHE B 156 7.25 -7.63 -13.69
C PHE B 156 6.24 -7.55 -12.53
N LEU B 157 5.58 -8.67 -12.24
CA LEU B 157 4.76 -8.80 -11.03
C LEU B 157 5.70 -8.96 -9.83
N GLN B 158 5.32 -8.44 -8.68
CA GLN B 158 6.17 -8.52 -7.49
C GLN B 158 5.99 -9.86 -6.77
N LYS B 159 6.74 -10.86 -7.21
CA LYS B 159 6.59 -12.23 -6.73
C LYS B 159 6.91 -12.35 -5.22
N GLN B 160 7.89 -11.59 -4.76
CA GLN B 160 8.22 -11.61 -3.32
C GLN B 160 7.01 -11.18 -2.48
N GLU B 161 6.36 -10.09 -2.88
CA GLU B 161 5.25 -9.52 -2.10
C GLU B 161 4.02 -10.41 -2.21
N LEU B 162 3.78 -10.97 -3.39
CA LEU B 162 2.76 -12.00 -3.57
C LEU B 162 2.93 -13.16 -2.59
N GLU B 163 4.11 -13.78 -2.57
CA GLU B 163 4.31 -14.97 -1.75
C GLU B 163 4.41 -14.69 -0.25
N GLN B 164 4.67 -13.43 0.13
CA GLN B 164 4.52 -13.00 1.52
C GLN B 164 3.07 -13.01 1.98
N ARG B 165 2.17 -12.55 1.12
CA ARG B 165 0.80 -12.22 1.54
C ARG B 165 -0.22 -13.31 1.18
N PHE B 166 0.07 -14.08 0.13
CA PHE B 166 -0.90 -14.99 -0.45
C PHE B 166 -0.29 -16.36 -0.56
N TYR B 167 -1.14 -17.38 -0.60
CA TYR B 167 -0.70 -18.74 -0.86
C TYR B 167 -1.42 -19.27 -2.11
N ASP B 168 -0.85 -20.29 -2.71
CA ASP B 168 -1.40 -20.91 -3.89
C ASP B 168 -2.68 -21.68 -3.52
N ASN B 169 -3.84 -21.11 -3.89
CA ASN B 169 -5.15 -21.69 -3.55
C ASN B 169 -5.74 -22.38 -4.78
N SER B 170 -4.87 -22.77 -5.70
CA SER B 170 -5.32 -23.24 -6.99
C SER B 170 -6.25 -24.46 -6.93
N ASP B 171 -6.17 -25.23 -5.85
CA ASP B 171 -7.15 -26.30 -5.58
C ASP B 171 -8.57 -25.78 -5.65
N LYS B 172 -8.75 -24.49 -5.43
CA LYS B 172 -10.08 -23.94 -5.40
C LYS B 172 -10.36 -23.06 -6.59
N LEU B 173 -9.49 -23.11 -7.60
CA LEU B 173 -9.68 -22.24 -8.75
C LEU B 173 -11.04 -22.46 -9.43
N VAL B 174 -11.39 -23.72 -9.69
CA VAL B 174 -12.59 -24.07 -10.44
C VAL B 174 -13.85 -23.55 -9.79
N ASP B 175 -13.88 -23.62 -8.47
CA ASP B 175 -15.04 -23.20 -7.72
C ASP B 175 -15.10 -21.70 -7.59
N PHE B 176 -13.94 -21.08 -7.74
CA PHE B 176 -13.82 -19.66 -7.57
C PHE B 176 -14.34 -18.93 -8.79
N LEU B 177 -14.12 -19.52 -9.96
CA LEU B 177 -14.52 -18.89 -11.22
C LEU B 177 -16.04 -18.79 -11.40
N PRO B 178 -16.49 -17.80 -12.20
CA PRO B 178 -17.94 -17.67 -12.41
C PRO B 178 -18.47 -18.97 -13.00
N SER B 179 -19.66 -19.37 -12.57
CA SER B 179 -20.09 -20.75 -12.64
C SER B 179 -20.20 -21.28 -14.06
N SER B 180 -20.37 -20.39 -15.02
CA SER B 180 -20.71 -20.82 -16.37
C SER B 180 -19.50 -21.04 -17.27
N ILE B 181 -18.31 -20.75 -16.77
CA ILE B 181 -17.08 -21.00 -17.54
C ILE B 181 -16.72 -22.49 -17.53
N GLN B 182 -16.33 -23.00 -18.68
CA GLN B 182 -15.75 -24.34 -18.77
C GLN B 182 -14.31 -24.26 -19.24
N LEU B 183 -13.44 -24.99 -18.54
CA LEU B 183 -12.04 -25.03 -18.92
C LEU B 183 -11.72 -26.38 -19.58
N GLU B 184 -10.57 -26.44 -20.24
CA GLU B 184 -10.19 -27.63 -21.01
C GLU B 184 -9.30 -28.57 -20.21
N GLY B 185 -8.54 -28.03 -19.27
CA GLY B 185 -7.63 -28.85 -18.46
C GLY B 185 -8.30 -29.49 -17.24
N ARG B 186 -7.58 -30.45 -16.63
CA ARG B 186 -7.79 -30.82 -15.23
C ARG B 186 -6.66 -30.22 -14.37
N LEU B 187 -6.92 -30.12 -13.06
CA LEU B 187 -5.92 -29.62 -12.12
C LEU B 187 -4.66 -30.50 -12.15
N THR B 188 -3.49 -29.86 -12.29
CA THR B 188 -2.22 -30.56 -12.48
C THR B 188 -1.13 -29.86 -11.66
N SER B 189 -0.22 -30.64 -11.07
CA SER B 189 0.98 -30.09 -10.41
C SER B 189 2.25 -30.51 -11.16
N GLN B 190 3.00 -29.53 -11.65
CA GLN B 190 4.14 -29.80 -12.49
C GLN B 190 5.33 -29.04 -11.93
N GLU B 191 6.49 -29.69 -11.94
CA GLU B 191 7.69 -28.97 -11.59
C GLU B 191 8.30 -28.25 -12.79
N TRP B 192 8.70 -27.01 -12.57
CA TRP B 192 9.30 -26.21 -13.62
C TRP B 192 10.39 -25.34 -13.09
N ASN B 193 11.60 -25.63 -13.52
CA ASN B 193 12.78 -24.94 -13.06
C ASN B 193 12.80 -24.75 -11.56
N GLY B 194 12.53 -25.84 -10.84
CA GLY B 194 12.68 -25.88 -9.41
C GLY B 194 11.57 -25.21 -8.62
N GLU B 195 10.51 -24.79 -9.31
CA GLU B 195 9.27 -24.39 -8.59
C GLU B 195 8.04 -25.25 -8.91
N LEU B 196 7.12 -25.31 -7.95
CA LEU B 196 5.87 -26.05 -8.09
C LEU B 196 4.82 -25.19 -8.83
N VAL B 197 4.35 -25.68 -9.96
CA VAL B 197 3.33 -24.99 -10.73
C VAL B 197 2.06 -25.81 -10.76
N LYS B 198 0.98 -25.25 -10.20
CA LYS B 198 -0.27 -25.95 -10.04
C LYS B 198 -1.45 -25.07 -10.57
N GLY B 199 -2.38 -25.71 -11.27
CA GLY B 199 -3.50 -24.99 -11.90
C GLY B 199 -4.05 -25.74 -13.09
N LEU B 200 -4.75 -25.03 -13.96
CA LEU B 200 -5.43 -25.64 -15.11
C LEU B 200 -4.62 -25.38 -16.37
N PRO B 201 -4.09 -26.45 -16.99
CA PRO B 201 -3.11 -26.31 -18.05
C PRO B 201 -3.70 -25.98 -19.42
N VAL B 202 -3.00 -25.13 -20.18
CA VAL B 202 -3.25 -24.94 -21.60
C VAL B 202 -1.90 -24.78 -22.32
N GLN B 203 -1.88 -25.15 -23.60
CA GLN B 203 -0.76 -24.81 -24.47
C GLN B 203 -1.29 -24.07 -25.68
N GLU B 204 -0.52 -23.07 -26.14
CA GLU B 204 -0.83 -22.36 -27.37
C GLU B 204 0.46 -21.70 -27.85
N LYS B 205 0.68 -21.73 -29.16
CA LYS B 205 1.95 -21.32 -29.73
C LYS B 205 3.11 -21.95 -28.96
N GLY B 206 4.12 -21.16 -28.63
CA GLY B 206 5.34 -21.73 -28.04
C GLY B 206 5.25 -21.91 -26.53
N TYR B 207 4.06 -21.73 -25.97
CA TYR B 207 3.92 -21.59 -24.51
C TYR B 207 3.04 -22.62 -23.89
N GLN B 208 3.40 -23.00 -22.67
CA GLN B 208 2.53 -23.74 -21.79
C GLN B 208 2.10 -22.78 -20.68
N PHE B 209 0.81 -22.75 -20.35
CA PHE B 209 0.38 -21.94 -19.21
C PHE B 209 -0.65 -22.57 -18.29
N TYR B 210 -0.66 -22.08 -17.04
CA TYR B 210 -1.57 -22.60 -16.00
C TYR B 210 -2.35 -21.43 -15.42
N PHE B 211 -3.68 -21.56 -15.43
CA PHE B 211 -4.54 -20.71 -14.61
C PHE B 211 -4.48 -21.14 -13.16
N THR B 212 -4.10 -20.21 -12.29
CA THR B 212 -3.93 -20.49 -10.85
C THR B 212 -4.69 -19.42 -10.04
N LEU B 213 -4.88 -19.71 -8.76
CA LEU B 213 -5.56 -18.79 -7.83
C LEU B 213 -4.72 -18.67 -6.58
N TYR B 214 -4.48 -17.44 -6.15
CA TYR B 214 -3.77 -17.13 -4.91
C TYR B 214 -4.73 -16.37 -3.99
N THR B 215 -4.64 -16.67 -2.70
CA THR B 215 -5.61 -16.20 -1.73
C THR B 215 -4.86 -15.68 -0.49
N LYS B 216 -5.38 -14.65 0.16
CA LYS B 216 -4.69 -14.08 1.34
C LYS B 216 -4.43 -15.14 2.41
N LYS B 217 -3.22 -15.12 2.97
CA LYS B 217 -2.87 -16.08 4.03
C LYS B 217 -3.68 -15.72 5.25
N LEU B 218 -3.81 -16.68 6.16
CA LEU B 218 -4.53 -16.45 7.38
C LEU B 218 -3.79 -15.36 8.16
N GLU B 219 -4.54 -14.53 8.87
CA GLU B 219 -3.94 -13.44 9.62
C GLU B 219 -4.27 -13.57 11.10
N HIS B 220 -3.26 -13.37 11.94
CA HIS B 220 -3.43 -13.24 13.38
C HIS B 220 -4.37 -12.09 13.76
N HIS B 221 -5.00 -12.21 14.91
CA HIS B 221 -5.87 -11.16 15.44
C HIS B 221 -5.08 -10.32 16.45
N HIS B 222 -4.53 -9.20 15.98
CA HIS B 222 -3.72 -8.32 16.84
C HIS B 222 -4.56 -7.22 17.46
N HIS B 223 -5.46 -6.64 16.66
CA HIS B 223 -6.33 -5.55 17.14
C HIS B 223 -7.61 -5.46 16.29
N HIS B 224 -8.72 -5.15 16.95
CA HIS B 224 -10.00 -4.80 16.29
C HIS B 224 -10.51 -3.46 16.86
N HIS B 225 -10.72 -2.47 16.00
CA HIS B 225 -11.12 -1.14 16.47
C HIS B 225 -12.44 -1.15 17.23
N HIS B 226 -12.41 -0.72 18.51
CA HIS B 226 -13.64 -0.42 19.28
C HIS B 226 -13.81 1.07 19.60
N HIS B 227 -15.05 1.46 19.92
CA HIS B 227 -15.42 2.88 20.05
C HIS B 227 -15.42 3.39 21.50
PA NDP C . -4.28 13.61 6.29
O1A NDP C . -3.84 12.20 6.19
O2A NDP C . -3.34 14.46 7.04
O5B NDP C . -4.47 14.17 4.80
C5B NDP C . -5.49 13.63 3.98
C4B NDP C . -5.31 14.28 2.60
O4B NDP C . -4.00 14.03 2.09
C3B NDP C . -6.26 13.76 1.53
O3B NDP C . -7.51 14.43 1.60
C2B NDP C . -5.48 14.08 0.27
O2B NDP C . -5.51 15.46 0.05
C1B NDP C . -4.04 13.87 0.68
N9A NDP C . -3.59 12.54 0.32
C8A NDP C . -3.90 11.38 0.97
N7A NDP C . -3.27 10.36 0.34
C5A NDP C . -2.55 10.87 -0.69
C6A NDP C . -1.75 10.29 -1.67
N6A NDP C . -1.53 8.97 -1.68
N1A NDP C . -1.18 11.08 -2.65
C2A NDP C . -1.42 12.44 -2.66
N3A NDP C . -2.24 13.01 -1.69
C4A NDP C . -2.79 12.23 -0.72
O3 NDP C . -5.78 13.74 6.85
PN NDP C . -6.60 12.96 7.98
O1N NDP C . -7.84 13.70 8.25
O2N NDP C . -6.61 11.52 7.65
O5D NDP C . -5.68 13.19 9.26
C5D NDP C . -5.72 14.43 9.95
C4D NDP C . -5.82 14.13 11.43
O4D NDP C . -4.66 13.43 11.87
C3D NDP C . -5.89 15.39 12.26
O3D NDP C . -6.83 15.17 13.31
C2D NDP C . -4.52 15.49 12.89
O2D NDP C . -4.55 16.13 14.16
C1D NDP C . -4.13 14.04 13.02
N1N NDP C . -2.68 13.87 13.18
C2N NDP C . -2.22 13.29 14.32
C3N NDP C . -0.86 13.16 14.53
C7N NDP C . -0.37 12.50 15.76
O7N NDP C . 0.99 12.21 15.86
N7N NDP C . -1.22 12.24 16.74
C4N NDP C . 0.06 13.62 13.56
C5N NDP C . -0.43 14.18 12.39
C6N NDP C . -1.81 14.34 12.22
P2B NDP C . -6.51 16.20 -0.95
O1X NDP C . -7.88 16.08 -0.32
O2X NDP C . -6.11 17.65 -1.06
O3X NDP C . -6.36 15.61 -2.32
N1 QLR D . 4.10 13.83 17.91
C2 QLR D . 4.53 12.71 17.30
N3 QLR D . 4.35 12.53 15.97
C4 QLR D . 3.78 13.49 15.20
C5 QLR D . 3.28 14.65 15.84
C6 QLR D . 3.46 14.79 17.22
CAA QLR D . 2.61 18.10 11.78
CAB QLR D . -1.17 21.82 16.42
CAC QLR D . 5.25 20.66 16.11
CAD QLR D . 2.42 23.26 17.09
CAE QLR D . 2.97 16.08 17.94
NAF QLR D . 5.16 11.78 18.03
NAG QLR D . 3.62 13.30 13.88
CAH QLR D . 2.64 15.71 15.14
CAI QLR D . 2.06 16.64 14.59
CAJ QLR D . 0.53 20.03 14.68
CAK QLR D . 2.91 19.62 14.62
CAL QLR D . 1.32 17.61 12.43
OAO QLR D . -0.32 22.21 15.32
OAP QLR D . 4.43 21.41 15.18
OAQ QLR D . 2.32 23.10 15.64
CAU QLR D . 1.60 19.17 14.46
CAW QLR D . 0.75 21.35 15.12
CAX QLR D . 3.15 20.93 15.05
CAY QLR D . 2.07 21.80 15.28
CAZ QLR D . 1.30 17.74 13.96
PA NDP E . 0.12 1.16 -15.57
O1A NDP E . 0.24 0.48 -14.26
O2A NDP E . -0.86 0.56 -16.47
O5B NDP E . -0.27 2.68 -15.34
C5B NDP E . 0.66 3.57 -14.76
C4B NDP E . -0.07 4.91 -14.65
O4B NDP E . -1.28 4.76 -13.90
C3B NDP E . 0.70 6.00 -13.96
O3B NDP E . 1.54 6.66 -14.89
C2B NDP E . -0.43 6.89 -13.45
O2B NDP E . -1.02 7.55 -14.53
C1B NDP E . -1.50 5.89 -13.09
N9A NDP E . -1.47 5.55 -11.65
C8A NDP E . -0.57 4.74 -11.03
N7A NDP E . -0.88 4.69 -9.71
C5A NDP E . -1.99 5.45 -9.51
C6A NDP E . -2.73 5.78 -8.37
N6A NDP E . -2.43 5.26 -7.17
N1A NDP E . -3.80 6.62 -8.47
C2A NDP E . -4.13 7.16 -9.71
N3A NDP E . -3.37 6.86 -10.81
C4A NDP E . -2.32 6.03 -10.72
O3 NDP E . 1.58 1.31 -16.25
PN NDP E . 2.89 0.38 -16.28
O1N NDP E . 3.78 0.93 -17.33
O2N NDP E . 3.37 0.15 -14.90
O5D NDP E . 2.34 -1.01 -16.86
C5D NDP E . 2.04 -1.12 -18.23
C4D NDP E . 2.56 -2.47 -18.70
O4D NDP E . 1.86 -3.52 -18.05
C3D NDP E . 2.35 -2.66 -20.18
O3D NDP E . 3.52 -3.26 -20.72
C2D NDP E . 1.23 -3.68 -20.26
O2D NDP E . 1.32 -4.49 -21.42
C1D NDP E . 1.45 -4.48 -19.00
N1N NDP E . 0.26 -5.22 -18.59
C2N NDP E . 0.32 -6.58 -18.50
C3N NDP E . -0.79 -7.32 -18.12
C7N NDP E . -0.71 -8.80 -18.09
O7N NDP E . -1.76 -9.53 -17.53
N7N NDP E . 0.37 -9.42 -18.58
C4N NDP E . -1.99 -6.67 -17.84
C5N NDP E . -2.07 -5.28 -17.94
C6N NDP E . -0.93 -4.56 -18.34
P2B NDP E . -0.64 9.04 -14.94
O1X NDP E . 0.79 8.97 -15.46
O2X NDP E . -1.59 9.52 -16.02
O3X NDP E . -0.83 9.92 -13.75
N1 QLR F . -4.64 -11.85 -19.17
C2 QLR F . -4.77 -11.90 -17.83
N3 QLR F . -4.89 -10.77 -17.09
C4 QLR F . -4.89 -9.56 -17.67
C5 QLR F . -4.73 -9.48 -19.07
C6 QLR F . -4.63 -10.66 -19.81
CAA QLR F . -6.36 -4.64 -20.17
CAB QLR F . -3.49 -4.65 -26.04
CAC QLR F . -9.45 -6.46 -24.50
CAD QLR F . -6.98 -7.49 -27.17
CAE QLR F . -4.49 -10.61 -21.33
NAF QLR F . -4.80 -13.11 -17.24
NAG QLR F . -5.03 -8.45 -16.94
CAH QLR F . -4.76 -8.23 -19.76
CAI QLR F . -4.71 -7.20 -20.45
CAJ QLR F . -4.71 -5.62 -23.85
CAK QLR F . -6.57 -6.75 -22.78
CAL QLR F . -4.91 -4.72 -20.63
OAO QLR F . -4.80 -5.20 -26.25
OAP QLR F . -8.47 -7.42 -24.06
OAQ QLR F . -7.31 -6.33 -26.37
CAU QLR F . -5.31 -6.15 -22.70
CAW QLR F . -5.38 -5.69 -25.09
CAX QLR F . -7.23 -6.82 -24.00
CAY QLR F . -6.63 -6.30 -25.17
CAZ QLR F . -4.59 -6.03 -21.35
#